data_9ETW
#
_entry.id   9ETW
#
_cell.length_a   28.740
_cell.length_b   78.186
_cell.length_c   95.571
_cell.angle_alpha   90.000
_cell.angle_beta   90.000
_cell.angle_gamma   90.000
#
_symmetry.space_group_name_H-M   'P 21 21 21'
#
loop_
_entity.id
_entity.type
_entity.pdbx_description
1 polymer 'Kelch-like protein 26'
2 non-polymer 1,2-ETHANEDIOL
3 water water
#
_entity_poly.entity_id   1
_entity_poly.type   'polypeptide(L)'
_entity_poly.pdbx_seq_one_letter_code
;SMGALKCTFSAPSHSTSLLQGLATLRAQGQLLDVVLTINREAFPAHKVVLAACSDYFRAMFTGGMREASQDVIELKGVSA
RGLRHIIDFAYSAEVTLDLDCVQDVLGAAVFLQMLPVVELCEEFLKAAMS
;
_entity_poly.pdbx_strand_id   A,B
#
# COMPACT_ATOMS: atom_id res chain seq x y z
N LEU A 5 26.46 -13.42 14.34
CA LEU A 5 25.27 -12.77 14.91
C LEU A 5 24.44 -12.01 13.87
N LYS A 6 23.41 -12.69 13.36
CA LYS A 6 22.52 -12.16 12.33
C LYS A 6 21.10 -12.38 12.80
N CYS A 7 20.25 -11.36 12.65
CA CYS A 7 18.95 -11.48 13.28
C CYS A 7 17.94 -10.63 12.53
N THR A 8 16.72 -11.14 12.44
CA THR A 8 15.62 -10.41 11.80
C THR A 8 14.76 -9.78 12.88
N PHE A 9 14.43 -8.49 12.69
CA PHE A 9 13.54 -7.72 13.54
C PHE A 9 12.34 -7.29 12.74
N SER A 10 11.23 -7.09 13.43
CA SER A 10 10.02 -6.65 12.75
CA SER A 10 9.97 -6.72 12.80
C SER A 10 9.39 -5.51 13.53
N ALA A 11 8.66 -4.68 12.79
CA ALA A 11 7.93 -3.54 13.37
C ALA A 11 6.45 -3.84 13.33
N PRO A 12 5.82 -4.21 14.44
CA PRO A 12 4.40 -4.61 14.37
C PRO A 12 3.46 -3.49 13.96
N SER A 13 3.86 -2.24 14.15
CA SER A 13 3.03 -1.10 13.79
C SER A 13 3.15 -0.69 12.32
N HIS A 14 4.06 -1.31 11.54
CA HIS A 14 4.37 -0.74 10.23
C HIS A 14 3.21 -0.86 9.26
N SER A 15 2.55 -2.02 9.22
CA SER A 15 1.49 -2.19 8.23
C SER A 15 0.34 -1.23 8.49
N THR A 16 0.07 -0.94 9.77
CA THR A 16 -0.99 0.02 10.12
C THR A 16 -0.58 1.44 9.75
N SER A 17 0.65 1.82 10.04
CA SER A 17 1.11 3.15 9.65
C SER A 17 1.13 3.31 8.13
N LEU A 18 1.54 2.27 7.41
CA LEU A 18 1.55 2.32 5.95
CA LEU A 18 1.57 2.34 5.96
C LEU A 18 0.15 2.51 5.39
N LEU A 19 -0.80 1.73 5.92
CA LEU A 19 -2.19 1.90 5.47
C LEU A 19 -2.64 3.34 5.67
N GLN A 20 -2.38 3.90 6.86
CA GLN A 20 -2.76 5.29 7.13
CA GLN A 20 -2.77 5.28 7.11
C GLN A 20 -2.10 6.23 6.12
N GLY A 21 -0.82 5.98 5.80
CA GLY A 21 -0.13 6.79 4.81
C GLY A 21 -0.79 6.70 3.44
N LEU A 22 -1.16 5.49 3.01
CA LEU A 22 -1.87 5.37 1.73
C LEU A 22 -3.16 6.17 1.73
N ALA A 23 -3.93 6.08 2.81
CA ALA A 23 -5.19 6.84 2.90
C ALA A 23 -4.95 8.34 2.80
N THR A 24 -3.88 8.86 3.45
CA THR A 24 -3.69 10.31 3.37
C THR A 24 -3.25 10.74 1.98
N LEU A 25 -2.54 9.88 1.26
CA LEU A 25 -2.14 10.20 -0.11
C LEU A 25 -3.33 10.20 -1.05
N ARG A 26 -4.23 9.21 -0.90
CA ARG A 26 -5.46 9.26 -1.69
C ARG A 26 -6.24 10.54 -1.36
N ALA A 27 -6.35 10.89 -0.07
CA ALA A 27 -7.16 12.05 0.29
C ALA A 27 -6.55 13.34 -0.25
N GLN A 28 -5.23 13.39 -0.40
CA GLN A 28 -4.57 14.58 -0.94
C GLN A 28 -4.51 14.54 -2.47
N GLY A 29 -5.11 13.54 -3.08
CA GLY A 29 -5.10 13.46 -4.52
C GLY A 29 -3.74 13.17 -5.13
N GLN A 30 -2.88 12.45 -4.41
CA GLN A 30 -1.48 12.31 -4.78
C GLN A 30 -1.16 10.91 -5.32
N LEU A 31 -0.40 10.87 -6.43
CA LEU A 31 0.16 9.66 -7.04
C LEU A 31 -0.88 8.73 -7.62
N LEU A 32 -2.11 9.20 -7.78
CA LEU A 32 -3.17 8.33 -8.29
C LEU A 32 -2.90 7.95 -9.74
N ASP A 33 -3.25 6.70 -10.11
CA ASP A 33 -2.96 6.23 -11.47
C ASP A 33 -4.14 5.53 -12.14
N VAL A 34 -5.32 5.52 -11.53
CA VAL A 34 -6.49 5.01 -12.24
C VAL A 34 -7.72 5.78 -11.80
N VAL A 35 -8.68 5.90 -12.71
CA VAL A 35 -10.02 6.36 -12.38
C VAL A 35 -10.97 5.26 -12.84
N LEU A 36 -11.68 4.67 -11.90
CA LEU A 36 -12.78 3.77 -12.23
C LEU A 36 -14.05 4.60 -12.39
N THR A 37 -14.89 4.25 -13.35
CA THR A 37 -16.11 5.00 -13.56
C THR A 37 -17.31 4.07 -13.62
N ILE A 38 -18.41 4.55 -13.08
CA ILE A 38 -19.71 3.87 -13.10
C ILE A 38 -20.72 4.94 -13.50
N ASN A 39 -21.30 4.81 -14.70
CA ASN A 39 -22.26 5.80 -15.22
C ASN A 39 -21.75 7.23 -15.07
N ARG A 40 -20.48 7.42 -15.44
CA ARG A 40 -19.79 8.70 -15.46
C ARG A 40 -19.40 9.22 -14.08
N GLU A 41 -19.70 8.49 -12.99
CA GLU A 41 -19.15 8.85 -11.67
C GLU A 41 -17.72 8.33 -11.55
N ALA A 42 -16.80 9.21 -11.14
CA ALA A 42 -15.37 8.95 -11.09
C ALA A 42 -14.90 8.49 -9.71
N PHE A 43 -14.06 7.47 -9.70
CA PHE A 43 -13.51 6.89 -8.47
C PHE A 43 -12.01 6.79 -8.65
N PRO A 44 -11.24 7.74 -8.14
CA PRO A 44 -9.78 7.66 -8.27
C PRO A 44 -9.18 6.68 -7.26
N ALA A 45 -8.07 6.06 -7.65
CA ALA A 45 -7.39 5.15 -6.72
C ALA A 45 -5.96 4.92 -7.20
N HIS A 46 -5.20 4.19 -6.38
CA HIS A 46 -3.89 3.67 -6.76
C HIS A 46 -4.07 2.21 -7.16
N LYS A 47 -3.69 1.87 -8.39
CA LYS A 47 -3.88 0.49 -8.87
C LYS A 47 -3.22 -0.51 -7.94
N VAL A 48 -2.03 -0.18 -7.44
CA VAL A 48 -1.29 -1.17 -6.67
C VAL A 48 -1.98 -1.46 -5.34
N VAL A 49 -2.71 -0.48 -4.80
CA VAL A 49 -3.42 -0.71 -3.54
C VAL A 49 -4.62 -1.62 -3.77
N LEU A 50 -5.44 -1.33 -4.80
CA LEU A 50 -6.55 -2.21 -5.13
C LEU A 50 -6.08 -3.61 -5.51
N ALA A 51 -4.99 -3.71 -6.28
CA ALA A 51 -4.49 -5.02 -6.66
C ALA A 51 -3.97 -5.81 -5.48
N ALA A 52 -3.50 -5.13 -4.43
CA ALA A 52 -2.95 -5.83 -3.28
C ALA A 52 -4.01 -6.39 -2.35
N CYS A 53 -5.28 -6.06 -2.53
CA CYS A 53 -6.27 -6.66 -1.65
C CYS A 53 -7.46 -7.26 -2.38
N SER A 54 -7.43 -7.35 -3.71
CA SER A 54 -8.51 -7.99 -4.46
C SER A 54 -7.93 -8.71 -5.65
N ASP A 55 -8.22 -10.02 -5.76
CA ASP A 55 -7.74 -10.80 -6.91
C ASP A 55 -8.45 -10.35 -8.18
N TYR A 56 -9.63 -9.75 -8.07
CA TYR A 56 -10.32 -9.18 -9.23
C TYR A 56 -9.57 -7.97 -9.78
N PHE A 57 -9.26 -7.00 -8.91
CA PHE A 57 -8.47 -5.87 -9.35
C PHE A 57 -7.06 -6.29 -9.74
N ARG A 58 -6.48 -7.29 -9.10
CA ARG A 58 -5.14 -7.68 -9.50
CA ARG A 58 -5.14 -7.70 -9.50
C ARG A 58 -5.16 -8.23 -10.92
N ALA A 59 -6.15 -9.06 -11.25
CA ALA A 59 -6.27 -9.58 -12.60
C ALA A 59 -6.49 -8.45 -13.60
N MET A 60 -7.30 -7.46 -13.22
CA MET A 60 -7.62 -6.38 -14.14
C MET A 60 -6.39 -5.53 -14.45
N PHE A 61 -5.56 -5.26 -13.45
CA PHE A 61 -4.46 -4.30 -13.63
C PHE A 61 -3.15 -4.95 -14.01
N THR A 62 -3.00 -6.26 -13.86
CA THR A 62 -1.74 -6.91 -14.18
C THR A 62 -1.86 -7.88 -15.34
N GLY A 63 -3.06 -8.07 -15.87
CA GLY A 63 -3.30 -9.12 -16.84
C GLY A 63 -3.26 -8.66 -18.28
N GLY A 64 -3.83 -9.48 -19.16
CA GLY A 64 -3.99 -9.18 -20.57
C GLY A 64 -5.35 -8.62 -20.96
N MET A 65 -6.17 -8.22 -20.00
CA MET A 65 -7.41 -7.51 -20.31
C MET A 65 -7.09 -6.15 -20.93
N ARG A 66 -7.99 -5.68 -21.80
CA ARG A 66 -7.84 -4.33 -22.33
C ARG A 66 -7.68 -3.32 -21.20
N GLU A 67 -8.33 -3.57 -20.06
CA GLU A 67 -8.29 -2.66 -18.93
C GLU A 67 -6.87 -2.44 -18.38
N ALA A 68 -5.96 -3.39 -18.61
CA ALA A 68 -4.66 -3.27 -17.94
C ALA A 68 -3.89 -2.04 -18.41
N SER A 69 -4.18 -1.55 -19.60
CA SER A 69 -3.46 -0.41 -20.16
C SER A 69 -4.25 0.89 -20.08
N GLN A 70 -5.42 0.87 -19.48
CA GLN A 70 -6.29 2.03 -19.44
C GLN A 70 -6.11 2.81 -18.14
N ASP A 71 -6.03 4.14 -18.26
CA ASP A 71 -6.04 4.97 -17.06
C ASP A 71 -7.44 5.26 -16.57
N VAL A 72 -8.45 5.12 -17.44
CA VAL A 72 -9.86 5.31 -17.07
C VAL A 72 -10.62 4.05 -17.49
N ILE A 73 -11.26 3.39 -16.53
CA ILE A 73 -11.87 2.08 -16.71
C ILE A 73 -13.34 2.16 -16.31
N GLU A 74 -14.23 1.78 -17.22
CA GLU A 74 -15.65 1.69 -16.88
C GLU A 74 -15.95 0.33 -16.26
N LEU A 75 -16.63 0.34 -15.12
CA LEU A 75 -17.02 -0.88 -14.42
C LEU A 75 -18.50 -1.14 -14.66
N LYS A 76 -18.79 -1.93 -15.68
CA LYS A 76 -20.18 -2.19 -16.03
C LYS A 76 -20.82 -3.16 -15.03
N GLY A 77 -22.06 -2.86 -14.66
CA GLY A 77 -22.83 -3.71 -13.78
C GLY A 77 -22.63 -3.45 -12.29
N VAL A 78 -21.64 -2.67 -11.92
CA VAL A 78 -21.25 -2.54 -10.51
C VAL A 78 -21.98 -1.35 -9.89
N SER A 79 -22.37 -1.48 -8.63
CA SER A 79 -23.03 -0.42 -7.90
C SER A 79 -22.07 0.72 -7.58
N ALA A 80 -22.44 1.96 -7.92
CA ALA A 80 -21.58 3.10 -7.59
C ALA A 80 -21.46 3.28 -6.08
N ARG A 81 -22.59 3.27 -5.37
CA ARG A 81 -22.53 3.34 -3.92
C ARG A 81 -21.70 2.21 -3.34
N GLY A 82 -21.88 0.99 -3.85
CA GLY A 82 -21.08 -0.12 -3.36
C GLY A 82 -19.60 0.07 -3.60
N LEU A 83 -19.22 0.55 -4.80
CA LEU A 83 -17.80 0.73 -5.09
C LEU A 83 -17.18 1.74 -4.12
N ARG A 84 -17.91 2.80 -3.82
CA ARG A 84 -17.42 3.82 -2.88
C ARG A 84 -16.95 3.16 -1.59
N HIS A 85 -17.82 2.34 -1.00
CA HIS A 85 -17.48 1.65 0.24
C HIS A 85 -16.31 0.70 0.07
N ILE A 86 -16.24 0.00 -1.06
CA ILE A 86 -15.17 -0.97 -1.29
C ILE A 86 -13.81 -0.26 -1.35
N ILE A 87 -13.73 0.82 -2.12
CA ILE A 87 -12.44 1.51 -2.18
C ILE A 87 -12.07 2.10 -0.83
N ASP A 88 -13.03 2.72 -0.14
CA ASP A 88 -12.73 3.26 1.19
C ASP A 88 -12.25 2.16 2.15
N PHE A 89 -12.83 0.95 2.04
CA PHE A 89 -12.32 -0.15 2.86
C PHE A 89 -10.86 -0.44 2.53
N ALA A 90 -10.50 -0.49 1.24
CA ALA A 90 -9.13 -0.82 0.84
C ALA A 90 -8.13 0.08 1.55
N TYR A 91 -8.50 1.34 1.75
CA TYR A 91 -7.60 2.33 2.34
C TYR A 91 -7.73 2.47 3.85
N SER A 92 -8.68 1.80 4.48
CA SER A 92 -8.96 2.07 5.90
C SER A 92 -9.12 0.82 6.75
N ALA A 93 -9.39 -0.34 6.16
CA ALA A 93 -9.70 -1.58 6.86
C ALA A 93 -11.03 -1.52 7.56
N GLU A 94 -11.88 -0.52 7.24
CA GLU A 94 -13.17 -0.33 7.90
C GLU A 94 -14.29 -0.18 6.88
N VAL A 95 -15.50 -0.51 7.31
CA VAL A 95 -16.68 -0.23 6.52
C VAL A 95 -17.79 0.16 7.49
N THR A 96 -18.55 1.16 7.12
CA THR A 96 -19.68 1.64 7.91
C THR A 96 -20.95 1.23 7.20
N LEU A 97 -21.76 0.42 7.85
CA LEU A 97 -22.92 -0.18 7.21
C LEU A 97 -24.22 0.20 7.90
N ASP A 98 -25.28 0.25 7.12
CA ASP A 98 -26.64 0.30 7.64
C ASP A 98 -27.55 -0.43 6.68
N LEU A 99 -28.82 -0.59 7.10
CA LEU A 99 -29.75 -1.38 6.29
C LEU A 99 -29.99 -0.73 4.93
N ASP A 100 -29.81 0.58 4.81
CA ASP A 100 -30.05 1.23 3.53
C ASP A 100 -28.97 0.86 2.50
N CYS A 101 -27.69 0.85 2.90
CA CYS A 101 -26.63 0.65 1.90
C CYS A 101 -26.08 -0.78 1.82
N VAL A 102 -26.43 -1.69 2.74
CA VAL A 102 -25.65 -2.93 2.83
C VAL A 102 -25.81 -3.79 1.57
N GLN A 103 -27.01 -3.80 0.96
CA GLN A 103 -27.16 -4.64 -0.23
C GLN A 103 -26.22 -4.21 -1.36
N ASP A 104 -26.11 -2.91 -1.61
CA ASP A 104 -25.14 -2.39 -2.59
C ASP A 104 -23.72 -2.81 -2.24
N VAL A 105 -23.36 -2.73 -0.96
CA VAL A 105 -21.97 -2.97 -0.55
C VAL A 105 -21.65 -4.47 -0.63
N LEU A 106 -22.56 -5.30 -0.14
CA LEU A 106 -22.38 -6.75 -0.27
C LEU A 106 -22.27 -7.15 -1.75
N GLY A 107 -23.15 -6.63 -2.61
CA GLY A 107 -23.12 -7.07 -4.00
C GLY A 107 -21.82 -6.67 -4.68
N ALA A 108 -21.34 -5.46 -4.37
CA ALA A 108 -20.07 -5.02 -4.95
C ALA A 108 -18.89 -5.80 -4.37
N ALA A 109 -18.96 -6.14 -3.08
CA ALA A 109 -17.85 -6.89 -2.48
C ALA A 109 -17.73 -8.28 -3.10
N VAL A 110 -18.86 -8.94 -3.36
CA VAL A 110 -18.83 -10.25 -3.99
C VAL A 110 -18.27 -10.16 -5.40
N PHE A 111 -18.79 -9.24 -6.18
CA PHE A 111 -18.34 -9.04 -7.57
C PHE A 111 -16.85 -8.66 -7.62
N LEU A 112 -16.44 -7.72 -6.77
CA LEU A 112 -15.06 -7.24 -6.84
C LEU A 112 -14.12 -8.07 -5.99
N GLN A 113 -14.61 -9.16 -5.41
CA GLN A 113 -13.78 -10.13 -4.68
C GLN A 113 -13.02 -9.43 -3.55
N MET A 114 -13.72 -8.54 -2.85
CA MET A 114 -13.18 -7.94 -1.63
CA MET A 114 -13.22 -7.93 -1.63
C MET A 114 -13.71 -8.78 -0.47
N LEU A 115 -13.01 -9.88 -0.22
CA LEU A 115 -13.54 -10.95 0.63
C LEU A 115 -13.78 -10.52 2.06
N PRO A 116 -12.93 -9.71 2.71
CA PRO A 116 -13.24 -9.31 4.09
C PRO A 116 -14.51 -8.49 4.17
N VAL A 117 -14.82 -7.74 3.13
CA VAL A 117 -16.03 -6.92 3.16
C VAL A 117 -17.26 -7.79 3.03
N VAL A 118 -17.18 -8.83 2.21
CA VAL A 118 -18.27 -9.80 2.18
C VAL A 118 -18.59 -10.29 3.59
N GLU A 119 -17.56 -10.76 4.31
CA GLU A 119 -17.75 -11.27 5.68
C GLU A 119 -18.36 -10.22 6.59
N LEU A 120 -17.88 -8.97 6.50
CA LEU A 120 -18.39 -7.93 7.38
C LEU A 120 -19.84 -7.62 7.07
N CYS A 121 -20.20 -7.64 5.78
CA CYS A 121 -21.61 -7.45 5.41
C CYS A 121 -22.49 -8.58 5.96
N GLU A 122 -22.02 -9.82 5.85
CA GLU A 122 -22.76 -10.96 6.39
C GLU A 122 -22.90 -10.86 7.90
N GLU A 123 -21.85 -10.42 8.58
CA GLU A 123 -21.93 -10.24 10.02
C GLU A 123 -22.94 -9.15 10.39
N PHE A 124 -22.93 -8.04 9.66
CA PHE A 124 -23.92 -6.99 9.94
C PHE A 124 -25.34 -7.52 9.74
N LEU A 125 -25.55 -8.28 8.66
CA LEU A 125 -26.90 -8.70 8.33
C LEU A 125 -27.40 -9.74 9.33
N LYS A 126 -26.49 -10.60 9.79
CA LYS A 126 -26.85 -11.56 10.82
C LYS A 126 -27.19 -10.85 12.12
N ALA A 127 -26.46 -9.79 12.44
CA ALA A 127 -26.78 -9.05 13.66
C ALA A 127 -28.10 -8.29 13.53
N ALA A 128 -28.37 -7.70 12.35
CA ALA A 128 -29.56 -6.89 12.17
C ALA A 128 -30.83 -7.71 12.30
N MET A 129 -30.80 -8.96 11.89
CA MET A 129 -31.96 -9.81 12.02
CA MET A 129 -31.94 -9.85 12.00
C MET A 129 -31.92 -10.55 13.35
N LEU B 5 -29.35 1.72 12.72
CA LEU B 5 -28.55 0.53 13.06
C LEU B 5 -27.11 0.67 12.55
N LYS B 6 -26.76 1.87 12.10
CA LYS B 6 -25.46 2.12 11.48
C LYS B 6 -24.32 1.72 12.39
N CYS B 7 -23.38 0.95 11.85
CA CYS B 7 -22.27 0.43 12.62
C CYS B 7 -21.02 0.37 11.76
N THR B 8 -19.87 0.63 12.39
CA THR B 8 -18.59 0.54 11.71
C THR B 8 -17.88 -0.75 12.12
N PHE B 9 -17.46 -1.54 11.14
CA PHE B 9 -16.76 -2.80 11.34
C PHE B 9 -15.34 -2.67 10.83
N SER B 10 -14.40 -3.31 11.51
CA SER B 10 -13.01 -3.26 11.08
C SER B 10 -12.52 -4.67 10.76
N ALA B 11 -11.55 -4.73 9.85
CA ALA B 11 -10.87 -5.98 9.52
C ALA B 11 -9.45 -5.91 10.04
N PRO B 12 -9.16 -6.45 11.22
CA PRO B 12 -7.82 -6.31 11.82
C PRO B 12 -6.68 -6.93 11.02
N SER B 13 -6.95 -7.91 10.17
CA SER B 13 -5.89 -8.50 9.37
CA SER B 13 -5.92 -8.52 9.35
C SER B 13 -5.65 -7.77 8.04
N HIS B 14 -6.45 -6.74 7.74
CA HIS B 14 -6.38 -6.14 6.41
C HIS B 14 -5.02 -5.48 6.15
N SER B 15 -4.48 -4.75 7.11
CA SER B 15 -3.24 -4.03 6.81
C SER B 15 -2.10 -5.01 6.55
N THR B 16 -2.08 -6.13 7.28
CA THR B 16 -1.07 -7.17 7.07
C THR B 16 -1.23 -7.82 5.70
N SER B 17 -2.47 -8.12 5.32
CA SER B 17 -2.70 -8.76 4.02
C SER B 17 -2.36 -7.83 2.89
N LEU B 18 -2.70 -6.55 3.05
CA LEU B 18 -2.39 -5.55 2.03
C LEU B 18 -0.89 -5.44 1.86
N LEU B 19 -0.16 -5.37 2.98
CA LEU B 19 1.31 -5.30 2.89
C LEU B 19 1.87 -6.51 2.15
N GLN B 20 1.40 -7.71 2.48
CA GLN B 20 1.87 -8.91 1.76
CA GLN B 20 1.88 -8.90 1.77
C GLN B 20 1.57 -8.80 0.28
N GLY B 21 0.40 -8.25 -0.07
CA GLY B 21 0.05 -8.11 -1.47
C GLY B 21 0.94 -7.13 -2.19
N LEU B 22 1.30 -6.04 -1.52
CA LEU B 22 2.22 -5.09 -2.13
C LEU B 22 3.56 -5.75 -2.41
N ALA B 23 4.05 -6.57 -1.47
CA ALA B 23 5.34 -7.21 -1.66
C ALA B 23 5.29 -8.23 -2.80
N THR B 24 4.16 -8.95 -2.95
CA THR B 24 4.11 -9.93 -4.06
C THR B 24 4.02 -9.20 -5.39
N LEU B 25 3.39 -8.02 -5.40
CA LEU B 25 3.35 -7.24 -6.64
C LEU B 25 4.74 -6.72 -7.00
N ARG B 26 5.50 -6.22 -6.03
CA ARG B 26 6.86 -5.79 -6.36
C ARG B 26 7.68 -6.98 -6.89
N ALA B 27 7.57 -8.13 -6.24
CA ALA B 27 8.37 -9.29 -6.61
C ALA B 27 8.01 -9.80 -8.00
N GLN B 28 6.75 -9.60 -8.42
CA GLN B 28 6.33 -9.96 -9.76
C GLN B 28 6.61 -8.85 -10.78
N GLY B 29 7.25 -7.76 -10.35
CA GLY B 29 7.55 -6.67 -11.24
C GLY B 29 6.34 -5.93 -11.74
N GLN B 30 5.26 -5.88 -10.96
CA GLN B 30 3.97 -5.37 -11.42
C GLN B 30 3.68 -3.98 -10.89
N LEU B 31 3.22 -3.11 -11.78
CA LEU B 31 2.71 -1.76 -11.48
C LEU B 31 3.77 -0.81 -10.94
N LEU B 32 5.04 -1.17 -11.05
CA LEU B 32 6.09 -0.32 -10.55
C LEU B 32 6.13 0.98 -11.33
N ASP B 33 6.42 2.07 -10.63
CA ASP B 33 6.42 3.36 -11.32
C ASP B 33 7.64 4.20 -10.98
N VAL B 34 8.63 3.66 -10.29
CA VAL B 34 9.87 4.39 -10.11
C VAL B 34 11.01 3.41 -10.05
N VAL B 35 12.18 3.85 -10.53
CA VAL B 35 13.43 3.15 -10.30
C VAL B 35 14.36 4.18 -9.66
N LEU B 36 14.77 3.91 -8.42
CA LEU B 36 15.77 4.74 -7.75
C LEU B 36 17.12 4.15 -8.09
N THR B 37 18.09 5.02 -8.37
CA THR B 37 19.40 4.52 -8.74
C THR B 37 20.43 5.10 -7.79
N ILE B 38 21.37 4.28 -7.37
CA ILE B 38 22.49 4.74 -6.57
C ILE B 38 23.72 4.26 -7.27
N ASN B 39 24.53 5.18 -7.76
CA ASN B 39 25.60 4.82 -8.68
C ASN B 39 24.93 4.10 -9.84
N ARG B 40 25.39 2.92 -10.24
CA ARG B 40 24.78 2.22 -11.36
C ARG B 40 23.70 1.23 -10.93
N GLU B 41 23.37 1.16 -9.64
CA GLU B 41 22.49 0.11 -9.13
C GLU B 41 21.04 0.60 -9.13
N ALA B 42 20.11 -0.26 -9.55
CA ALA B 42 18.72 0.10 -9.80
C ALA B 42 17.79 -0.53 -8.77
N PHE B 43 16.86 0.28 -8.23
CA PHE B 43 15.95 -0.16 -7.18
C PHE B 43 14.51 0.16 -7.57
N PRO B 44 13.76 -0.83 -8.06
CA PRO B 44 12.39 -0.55 -8.48
C PRO B 44 11.46 -0.51 -7.28
N ALA B 45 10.45 0.37 -7.35
CA ALA B 45 9.48 0.42 -6.27
C ALA B 45 8.19 1.04 -6.77
N HIS B 46 7.21 1.12 -5.85
CA HIS B 46 5.98 1.88 -6.05
C HIS B 46 6.07 3.19 -5.29
N LYS B 47 5.95 4.31 -5.99
CA LYS B 47 6.09 5.60 -5.32
C LYS B 47 5.15 5.71 -4.14
N VAL B 48 3.90 5.22 -4.30
CA VAL B 48 2.91 5.47 -3.26
C VAL B 48 3.24 4.67 -2.01
N VAL B 49 3.90 3.52 -2.15
CA VAL B 49 4.28 2.73 -0.99
C VAL B 49 5.40 3.42 -0.22
N LEU B 50 6.44 3.87 -0.92
CA LEU B 50 7.53 4.58 -0.24
C LEU B 50 7.04 5.89 0.36
N ALA B 51 6.21 6.63 -0.36
CA ALA B 51 5.66 7.87 0.18
C ALA B 51 4.80 7.66 1.41
N ALA B 52 4.19 6.48 1.55
CA ALA B 52 3.28 6.22 2.66
C ALA B 52 4.00 5.88 3.95
N CYS B 53 5.32 5.62 3.92
CA CYS B 53 6.02 5.30 5.16
C CYS B 53 7.30 6.11 5.37
N SER B 54 7.58 7.10 4.54
CA SER B 54 8.72 7.99 4.75
C SER B 54 8.33 9.40 4.29
N ASP B 55 8.41 10.38 5.20
CA ASP B 55 8.14 11.75 4.80
C ASP B 55 9.21 12.25 3.83
N TYR B 56 10.41 11.66 3.85
CA TYR B 56 11.40 12.02 2.84
C TYR B 56 10.93 11.63 1.45
N PHE B 57 10.56 10.37 1.26
CA PHE B 57 10.03 9.97 -0.04
C PHE B 57 8.71 10.65 -0.36
N ARG B 58 7.86 10.91 0.64
N ARG B 58 7.87 10.92 0.64
CA ARG B 58 6.61 11.60 0.35
CA ARG B 58 6.61 11.60 0.34
C ARG B 58 6.89 12.98 -0.24
C ARG B 58 6.89 12.98 -0.24
N ALA B 59 7.83 13.72 0.36
CA ALA B 59 8.17 15.04 -0.19
C ALA B 59 8.76 14.91 -1.58
N MET B 60 9.60 13.89 -1.79
CA MET B 60 10.25 13.69 -3.08
C MET B 60 9.22 13.44 -4.17
N PHE B 61 8.19 12.65 -3.87
CA PHE B 61 7.31 12.22 -4.95
C PHE B 61 6.08 13.09 -5.10
N THR B 62 5.76 13.96 -4.14
CA THR B 62 4.57 14.79 -4.22
C THR B 62 4.86 16.28 -4.32
N GLY B 63 6.09 16.68 -4.07
CA GLY B 63 6.65 17.95 -4.51
C GLY B 63 7.94 17.51 -5.17
N GLY B 64 9.03 18.24 -5.05
CA GLY B 64 10.31 17.76 -5.54
C GLY B 64 10.94 18.72 -6.52
N MET B 65 12.19 18.41 -6.87
CA MET B 65 12.97 19.24 -7.77
C MET B 65 12.85 18.73 -9.21
N ARG B 66 11.61 18.69 -9.68
CA ARG B 66 11.25 18.09 -10.96
C ARG B 66 11.62 16.61 -11.01
N GLU B 67 12.09 16.05 -9.89
CA GLU B 67 12.22 14.61 -9.74
C GLU B 67 10.91 13.94 -9.37
N ALA B 68 9.96 14.68 -8.82
CA ALA B 68 8.67 14.09 -8.45
C ALA B 68 8.05 13.30 -9.61
N SER B 69 8.24 13.79 -10.83
CA SER B 69 7.57 13.26 -12.02
C SER B 69 8.39 12.22 -12.75
N GLN B 70 9.71 12.23 -12.56
CA GLN B 70 10.60 11.29 -13.23
C GLN B 70 10.26 9.84 -12.89
N ASP B 71 10.49 8.95 -13.87
CA ASP B 71 10.39 7.51 -13.66
CA ASP B 71 10.39 7.52 -13.64
C ASP B 71 11.68 6.90 -13.14
N VAL B 72 12.82 7.53 -13.44
CA VAL B 72 14.13 7.06 -12.97
C VAL B 72 14.77 8.22 -12.26
N ILE B 73 15.10 8.03 -10.98
CA ILE B 73 15.58 9.11 -10.13
C ILE B 73 16.89 8.69 -9.47
N GLU B 74 17.94 9.51 -9.64
CA GLU B 74 19.21 9.27 -8.97
C GLU B 74 19.12 9.73 -7.52
N LEU B 75 19.28 8.82 -6.58
CA LEU B 75 19.15 9.14 -5.16
C LEU B 75 20.56 9.37 -4.60
N LYS B 76 20.77 10.54 -4.03
CA LYS B 76 22.01 10.87 -3.34
C LYS B 76 21.78 10.83 -1.84
N GLY B 77 22.84 10.54 -1.08
CA GLY B 77 22.81 10.76 0.34
C GLY B 77 22.79 9.49 1.19
N VAL B 78 22.62 8.31 0.59
CA VAL B 78 22.68 7.06 1.34
C VAL B 78 23.46 6.05 0.52
N SER B 79 23.96 5.01 1.20
CA SER B 79 24.60 3.91 0.49
C SER B 79 23.57 3.02 -0.23
N ALA B 80 24.03 2.33 -1.27
CA ALA B 80 23.13 1.45 -2.01
C ALA B 80 22.63 0.31 -1.12
N ARG B 81 23.52 -0.25 -0.30
CA ARG B 81 23.08 -1.33 0.58
C ARG B 81 22.05 -0.84 1.60
N GLY B 82 22.26 0.36 2.16
CA GLY B 82 21.28 0.92 3.07
C GLY B 82 19.91 1.06 2.41
N LEU B 83 19.88 1.61 1.19
CA LEU B 83 18.62 1.80 0.49
C LEU B 83 17.93 0.46 0.24
N ARG B 84 18.70 -0.57 -0.10
CA ARG B 84 18.14 -1.89 -0.36
C ARG B 84 17.36 -2.39 0.84
N HIS B 85 17.96 -2.30 2.03
CA HIS B 85 17.31 -2.76 3.25
C HIS B 85 16.10 -1.90 3.58
N ILE B 86 16.18 -0.59 3.34
CA ILE B 86 15.07 0.30 3.66
C ILE B 86 13.86 -0.02 2.80
N ILE B 87 14.06 -0.20 1.49
CA ILE B 87 12.93 -0.54 0.63
C ILE B 87 12.35 -1.89 1.02
N ASP B 88 13.20 -2.89 1.27
CA ASP B 88 12.69 -4.21 1.65
C ASP B 88 11.89 -4.09 2.95
N PHE B 89 12.28 -3.18 3.83
CA PHE B 89 11.52 -2.94 5.05
C PHE B 89 10.13 -2.37 4.74
N ALA B 90 10.06 -1.40 3.83
CA ALA B 90 8.77 -0.79 3.48
C ALA B 90 7.75 -1.84 3.05
N TYR B 91 8.19 -2.88 2.35
CA TYR B 91 7.32 -3.92 1.84
C TYR B 91 7.17 -5.14 2.76
N SER B 92 7.86 -5.18 3.90
CA SER B 92 7.82 -6.38 4.73
C SER B 92 7.66 -6.11 6.22
N ALA B 93 7.93 -4.89 6.70
CA ALA B 93 7.98 -4.57 8.12
C ALA B 93 9.13 -5.27 8.84
N GLU B 94 10.10 -5.81 8.10
CA GLU B 94 11.21 -6.56 8.70
C GLU B 94 12.54 -6.08 8.15
N VAL B 95 13.59 -6.25 8.97
CA VAL B 95 14.96 -5.98 8.54
C VAL B 95 15.87 -7.06 9.13
N THR B 96 16.81 -7.54 8.33
CA THR B 96 17.75 -8.56 8.78
C THR B 96 19.10 -7.87 8.92
N LEU B 97 19.63 -7.82 10.14
CA LEU B 97 20.81 -7.03 10.46
C LEU B 97 21.97 -7.92 10.89
N ASP B 98 23.19 -7.44 10.60
CA ASP B 98 24.41 -7.94 11.20
C ASP B 98 25.34 -6.75 11.36
N LEU B 99 26.46 -6.97 12.03
CA LEU B 99 27.34 -5.86 12.32
C LEU B 99 27.98 -5.30 11.07
N ASP B 100 28.05 -6.09 10.00
CA ASP B 100 28.69 -5.60 8.79
C ASP B 100 27.79 -4.60 8.07
N CYS B 101 26.47 -4.79 8.11
CA CYS B 101 25.59 -3.92 7.35
C CYS B 101 24.88 -2.86 8.19
N VAL B 102 25.05 -2.87 9.51
CA VAL B 102 24.21 -1.98 10.33
C VAL B 102 24.56 -0.51 10.09
N GLN B 103 25.83 -0.19 9.83
CA GLN B 103 26.16 1.19 9.53
C GLN B 103 25.37 1.70 8.33
N ASP B 104 25.35 0.91 7.25
CA ASP B 104 24.63 1.34 6.06
C ASP B 104 23.13 1.51 6.33
N VAL B 105 22.53 0.53 7.04
CA VAL B 105 21.07 0.56 7.26
C VAL B 105 20.69 1.70 8.18
N LEU B 106 21.41 1.84 9.30
CA LEU B 106 21.04 2.87 10.27
C LEU B 106 21.24 4.27 9.68
N GLY B 107 22.37 4.51 9.00
CA GLY B 107 22.54 5.80 8.34
C GLY B 107 21.43 6.09 7.34
N ALA B 108 21.04 5.09 6.54
CA ALA B 108 19.97 5.30 5.56
C ALA B 108 18.64 5.57 6.24
N ALA B 109 18.37 4.89 7.34
CA ALA B 109 17.08 5.02 7.99
C ALA B 109 16.93 6.41 8.60
N VAL B 110 18.01 6.95 9.15
CA VAL B 110 17.93 8.32 9.65
C VAL B 110 17.70 9.30 8.51
N PHE B 111 18.51 9.17 7.44
CA PHE B 111 18.42 10.10 6.32
C PHE B 111 17.03 10.04 5.68
N LEU B 112 16.52 8.83 5.49
CA LEU B 112 15.23 8.64 4.80
C LEU B 112 14.05 8.72 5.75
N GLN B 113 14.32 9.07 7.02
CA GLN B 113 13.30 9.41 8.02
C GLN B 113 12.33 8.24 8.27
N MET B 114 12.89 7.05 8.40
CA MET B 114 12.12 5.85 8.73
C MET B 114 12.45 5.44 10.16
N LEU B 115 11.80 6.12 11.12
CA LEU B 115 12.19 5.93 12.51
C LEU B 115 12.00 4.50 12.98
N PRO B 116 10.99 3.74 12.54
CA PRO B 116 10.90 2.36 13.05
C PRO B 116 12.14 1.56 12.73
N VAL B 117 12.81 1.84 11.61
CA VAL B 117 14.01 1.07 11.28
C VAL B 117 15.17 1.53 12.16
N VAL B 118 15.21 2.83 12.47
CA VAL B 118 16.21 3.32 13.41
C VAL B 118 16.09 2.57 14.72
N GLU B 119 14.86 2.42 15.23
CA GLU B 119 14.68 1.74 16.50
C GLU B 119 15.06 0.26 16.42
N LEU B 120 14.79 -0.41 15.30
CA LEU B 120 15.21 -1.81 15.18
C LEU B 120 16.73 -1.93 15.17
N CYS B 121 17.42 -1.02 14.47
CA CYS B 121 18.88 -1.01 14.47
C CYS B 121 19.44 -0.82 15.88
N GLU B 122 18.83 0.08 16.65
CA GLU B 122 19.28 0.31 18.02
C GLU B 122 19.06 -0.90 18.90
N GLU B 123 17.96 -1.64 18.66
CA GLU B 123 17.75 -2.88 19.40
C GLU B 123 18.82 -3.90 19.05
N PHE B 124 19.15 -4.01 17.76
CA PHE B 124 20.20 -4.92 17.35
C PHE B 124 21.51 -4.56 18.04
N LEU B 125 21.87 -3.28 18.01
CA LEU B 125 23.16 -2.88 18.60
C LEU B 125 23.21 -3.18 20.09
N LYS B 126 22.09 -3.06 20.80
CA LYS B 126 22.14 -3.39 22.22
C LYS B 126 22.50 -4.85 22.43
N ALA B 127 21.97 -5.73 21.58
CA ALA B 127 22.19 -7.17 21.71
C ALA B 127 23.57 -7.58 21.20
N ALA B 128 24.01 -6.98 20.09
CA ALA B 128 25.27 -7.38 19.47
C ALA B 128 26.49 -6.94 20.28
N MET B 129 26.37 -5.87 21.06
CA MET B 129 27.45 -5.45 21.95
C MET B 129 27.40 -6.26 23.26
#